data_5VLK
#
_entry.id   5VLK
#
_cell.length_a   70.387
_cell.length_b   70.387
_cell.length_c   156.983
_cell.angle_alpha   90.00
_cell.angle_beta   90.00
_cell.angle_gamma   120.00
#
_symmetry.space_group_name_H-M   'P 32 2 1'
#
loop_
_entity.id
_entity.type
_entity.pdbx_description
1 polymer 'Proprotein convertase subtilisin/kexin type 9'
2 polymer 'ACE-THR-VAL-PHE-THR-SER-TRP-GLU-GLU-TYR-LEU-ASP-TRP-VAL-NH2 peptide'
3 polymer 'ACE-TRP-ASN-LEU-VAL-HRG-ILE-GLY-LEU-LEU peptide'
4 non-polymer 'CALCIUM ION'
5 water water
#
loop_
_entity_poly.entity_id
_entity_poly.type
_entity_poly.pdbx_seq_one_letter_code
_entity_poly.pdbx_strand_id
1 'polypeptide(L)'
;MGTVSSRRSWWPLPLLLLLLLLLGPAGARAQEDEDGDYEELVLALRSEEDGLAEAPEHGTTATFHRCAKDPWRLPGTYVV
VLKEETHLSQSERTARRLQAQAARRGYLTKILHVFHGLLPGFLVKMSGDLLELALKLPHVDYIEEDSSVFAQSIPWNLER
ITPPRYSADEYQPPDGGSLVEVYLLDTSIQSDHREIEGRVMVTDFENVPEEDGTRFHRQASKCDSHGTHLAGVVSGRDAG
VAKGASMRSLRVLNCQGKGTVSGTLIGLEFIRKSQLVQPVGPLVVLLPLAGGYSRVLNAACQRLARAGVVLVTAAGNFRD
DACLYSPASAPEVITVGATNAQDQPVTLGTLGTNFGRCVDLFAPGEDIIGASSDCSTCFVSQSGTSQAAAHVAGIAAMML
SAEPELTLAELRQRLIHFSAKDVINEAWFPEDQRVLTPNLVAALPPSTHGAGNSHHHHHH
;
A
2 'polypeptide(L)' (ACE)TVFTSWEEYLDWV(NH2) Y
3 'polypeptide(L)' (ACE)WNLV(HRG)IGLLR Z
#
loop_
_chem_comp.id
_chem_comp.type
_chem_comp.name
_chem_comp.formula
ACE non-polymer 'ACETYL GROUP' 'C2 H4 O'
CA non-polymer 'CALCIUM ION' 'Ca 2'
NH2 non-polymer 'AMINO GROUP' 'H2 N'
#
# COMPACT_ATOMS: atom_id res chain seq x y z
N THR A 61 -12.82 20.62 -18.18
CA THR A 61 -11.46 21.25 -18.14
C THR A 61 -10.60 20.75 -16.97
N ALA A 62 -9.32 21.11 -17.00
CA ALA A 62 -8.33 20.59 -16.06
C ALA A 62 -8.44 21.24 -14.69
N THR A 63 -8.30 20.43 -13.65
CA THR A 63 -8.46 20.87 -12.25
C THR A 63 -7.17 20.67 -11.46
N PHE A 64 -6.99 21.47 -10.41
CA PHE A 64 -5.86 21.34 -9.49
C PHE A 64 -6.30 20.82 -8.13
N HIS A 65 -5.47 19.94 -7.56
CA HIS A 65 -5.77 19.25 -6.30
C HIS A 65 -4.53 19.24 -5.41
N ARG A 66 -4.72 19.43 -4.12
CA ARG A 66 -3.64 19.35 -3.14
C ARG A 66 -4.20 18.73 -1.88
N CYS A 67 -3.32 18.16 -1.07
CA CYS A 67 -3.74 17.42 0.11
C CYS A 67 -4.50 18.29 1.10
N ALA A 68 -5.63 17.77 1.57
CA ALA A 68 -6.50 18.46 2.52
C ALA A 68 -5.87 18.49 3.92
N LYS A 69 -5.01 17.50 4.23
CA LYS A 69 -4.17 17.52 5.43
C LYS A 69 -2.98 18.40 5.17
N ASP A 70 -3.07 19.65 5.59
CA ASP A 70 -2.07 20.65 5.23
C ASP A 70 -0.63 20.29 5.67
N PRO A 71 -0.44 19.74 6.88
CA PRO A 71 0.91 19.30 7.26
C PRO A 71 1.51 18.15 6.40
N TRP A 72 0.65 17.45 5.66
CA TRP A 72 1.12 16.39 4.76
C TRP A 72 1.47 16.86 3.36
N ARG A 73 1.20 18.14 3.06
CA ARG A 73 1.49 18.68 1.73
C ARG A 73 2.99 18.76 1.48
N LEU A 74 3.35 18.66 0.20
CA LEU A 74 4.74 18.84 -0.23
C LEU A 74 4.77 19.85 -1.37
N PRO A 75 4.63 21.15 -1.02
CA PRO A 75 4.65 22.20 -2.04
C PRO A 75 5.90 22.19 -2.89
N GLY A 76 5.79 22.68 -4.12
CA GLY A 76 6.93 22.79 -5.05
C GLY A 76 7.12 21.61 -5.99
N THR A 77 6.45 20.47 -5.73
CA THR A 77 6.47 19.32 -6.64
C THR A 77 5.05 18.92 -7.04
N TYR A 78 4.83 18.79 -8.36
CA TYR A 78 3.50 18.50 -8.91
C TYR A 78 3.48 17.28 -9.83
N VAL A 79 2.41 16.48 -9.69
CA VAL A 79 2.09 15.40 -10.60
C VAL A 79 1.12 15.91 -11.65
N VAL A 80 1.59 16.06 -12.88
CA VAL A 80 0.74 16.46 -14.00
C VAL A 80 0.25 15.19 -14.68
N VAL A 81 -1.06 14.94 -14.61
CA VAL A 81 -1.67 13.73 -15.12
C VAL A 81 -2.34 14.09 -16.44
N LEU A 82 -1.97 13.37 -17.49
CA LEU A 82 -2.51 13.65 -18.82
C LEU A 82 -3.69 12.76 -19.09
N LYS A 83 -4.44 13.07 -20.14
CA LYS A 83 -5.61 12.28 -20.50
C LYS A 83 -5.26 10.83 -20.86
N GLU A 84 -6.23 9.95 -20.66
CA GLU A 84 -6.00 8.50 -20.53
C GLU A 84 -5.20 7.84 -21.66
N GLU A 85 -5.49 8.21 -22.91
CA GLU A 85 -4.82 7.58 -24.06
C GLU A 85 -3.50 8.25 -24.51
N THR A 86 -3.10 9.33 -23.84
CA THR A 86 -1.83 10.01 -24.16
C THR A 86 -0.69 9.01 -24.09
N HIS A 87 0.17 9.01 -25.11
CA HIS A 87 1.32 8.11 -25.13
C HIS A 87 2.60 8.87 -24.78
N LEU A 88 3.67 8.12 -24.57
CA LEU A 88 4.88 8.64 -23.95
C LEU A 88 5.48 9.86 -24.67
N SER A 89 5.52 9.81 -25.99
CA SER A 89 6.08 10.91 -26.80
C SER A 89 5.36 12.22 -26.53
N GLN A 90 4.03 12.15 -26.44
CA GLN A 90 3.22 13.33 -26.18
C GLN A 90 3.47 13.83 -24.76
N SER A 91 3.51 12.91 -23.81
CA SER A 91 3.77 13.28 -22.42
CA SER A 91 3.78 13.26 -22.41
C SER A 91 5.11 14.02 -22.30
N GLU A 92 6.12 13.52 -23.00
CA GLU A 92 7.42 14.17 -23.02
C GLU A 92 7.38 15.52 -23.71
N ARG A 93 6.65 15.61 -24.84
CA ARG A 93 6.46 16.87 -25.56
C ARG A 93 5.76 17.91 -24.70
N THR A 94 4.75 17.47 -23.94
CA THR A 94 4.01 18.36 -23.05
C THR A 94 4.91 18.86 -21.92
N ALA A 95 5.77 17.98 -21.38
CA ALA A 95 6.69 18.38 -20.34
C ALA A 95 7.70 19.39 -20.85
N ARG A 96 8.19 19.20 -22.07
CA ARG A 96 9.18 20.14 -22.64
C ARG A 96 8.53 21.49 -22.95
N ARG A 97 7.29 21.47 -23.42
CA ARG A 97 6.46 22.69 -23.58
C ARG A 97 6.36 23.49 -22.27
N LEU A 98 6.04 22.80 -21.18
CA LEU A 98 5.88 23.47 -19.90
C LEU A 98 7.18 24.16 -19.56
N GLN A 99 8.29 23.45 -19.63
CA GLN A 99 9.62 24.00 -19.34
C GLN A 99 9.93 25.24 -20.17
N ALA A 100 9.56 25.21 -21.45
CA ALA A 100 9.85 26.31 -22.37
C ALA A 100 8.98 27.52 -22.09
N GLN A 101 7.70 27.28 -21.79
CA GLN A 101 6.77 28.37 -21.48
C GLN A 101 7.15 28.98 -20.13
N ALA A 102 7.50 28.13 -19.18
CA ALA A 102 8.02 28.55 -17.89
C ALA A 102 9.29 29.40 -18.02
N ALA A 103 10.24 28.95 -18.84
CA ALA A 103 11.51 29.67 -19.07
C ALA A 103 11.26 31.04 -19.66
N ARG A 104 10.30 31.12 -20.58
CA ARG A 104 9.87 32.38 -21.20
C ARG A 104 9.40 33.39 -20.13
N ARG A 105 8.82 32.90 -19.04
CA ARG A 105 8.40 33.73 -17.90
C ARG A 105 9.46 33.84 -16.80
N GLY A 106 10.68 33.37 -17.07
CA GLY A 106 11.79 33.49 -16.13
C GLY A 106 11.86 32.41 -15.07
N TYR A 107 11.01 31.40 -15.16
CA TYR A 107 10.97 30.35 -14.16
C TYR A 107 11.81 29.13 -14.56
N LEU A 108 12.68 28.73 -13.65
CA LEU A 108 13.37 27.46 -13.71
C LEU A 108 12.42 26.31 -13.38
N THR A 109 12.49 25.21 -14.14
CA THR A 109 11.75 23.97 -13.84
C THR A 109 12.59 22.72 -14.12
N LYS A 110 12.30 21.64 -13.38
CA LYS A 110 12.97 20.34 -13.55
CA LYS A 110 12.97 20.34 -13.55
C LYS A 110 11.94 19.22 -13.70
N ILE A 111 12.04 18.44 -14.79
CA ILE A 111 11.22 17.24 -14.96
C ILE A 111 11.89 16.08 -14.24
N LEU A 112 11.26 15.60 -13.17
CA LEU A 112 11.86 14.58 -12.34
C LEU A 112 11.59 13.16 -12.84
N HIS A 113 10.50 12.98 -13.58
CA HIS A 113 10.04 11.66 -13.98
C HIS A 113 8.89 11.79 -14.97
N VAL A 114 8.92 10.97 -16.02
CA VAL A 114 7.80 10.89 -16.96
C VAL A 114 7.15 9.53 -16.79
N PHE A 115 5.85 9.54 -16.46
CA PHE A 115 5.06 8.33 -16.29
C PHE A 115 4.52 7.79 -17.61
N HIS A 116 4.61 6.47 -17.76
CA HIS A 116 3.85 5.72 -18.77
C HIS A 116 3.68 4.28 -18.29
N GLY A 117 2.54 3.67 -18.60
CA GLY A 117 2.25 2.28 -18.21
C GLY A 117 0.88 2.16 -17.57
N LEU A 118 0.61 3.08 -16.64
CA LEU A 118 -0.70 3.19 -15.99
C LEU A 118 -1.26 4.58 -16.26
N LEU A 119 -0.56 5.58 -15.72
CA LEU A 119 -0.91 6.97 -15.88
C LEU A 119 0.04 7.57 -16.87
N PRO A 120 -0.47 8.23 -17.90
CA PRO A 120 0.42 9.12 -18.62
C PRO A 120 0.55 10.43 -17.85
N GLY A 121 1.77 10.97 -17.81
CA GLY A 121 2.01 12.28 -17.26
C GLY A 121 3.44 12.41 -16.79
N PHE A 122 3.68 13.37 -15.92
CA PHE A 122 5.02 13.61 -15.39
C PHE A 122 5.06 14.31 -14.03
N LEU A 123 6.20 14.16 -13.38
CA LEU A 123 6.49 14.78 -12.10
C LEU A 123 7.38 15.98 -12.36
N VAL A 124 6.97 17.17 -11.90
CA VAL A 124 7.75 18.40 -12.11
C VAL A 124 7.99 19.14 -10.79
N LYS A 125 9.23 19.54 -10.58
CA LYS A 125 9.60 20.50 -9.55
C LYS A 125 9.55 21.88 -10.17
N MET A 126 8.70 22.74 -9.65
CA MET A 126 8.52 24.09 -10.17
C MET A 126 7.72 24.89 -9.17
N SER A 127 7.78 26.21 -9.32
CA SER A 127 6.91 27.10 -8.57
C SER A 127 5.43 26.88 -8.89
N GLY A 128 4.62 26.79 -7.84
CA GLY A 128 3.17 26.82 -7.97
C GLY A 128 2.60 27.99 -8.76
N ASP A 129 3.35 29.09 -8.89
CA ASP A 129 2.97 30.21 -9.78
C ASP A 129 2.57 29.74 -11.18
N LEU A 130 3.22 28.68 -11.65
CA LEU A 130 3.02 28.18 -13.02
C LEU A 130 1.79 27.29 -13.21
N LEU A 131 0.98 27.08 -12.16
CA LEU A 131 -0.14 26.14 -12.25
C LEU A 131 -1.22 26.54 -13.24
N GLU A 132 -1.62 27.79 -13.26
CA GLU A 132 -2.63 28.24 -14.25
C GLU A 132 -2.13 27.96 -15.69
N LEU A 133 -0.87 28.27 -15.96
CA LEU A 133 -0.25 28.00 -17.24
C LEU A 133 -0.26 26.50 -17.54
N ALA A 134 0.22 25.71 -16.57
CA ALA A 134 0.32 24.26 -16.74
C ALA A 134 -1.04 23.63 -16.98
N LEU A 135 -2.09 24.19 -16.37
CA LEU A 135 -3.43 23.63 -16.53
C LEU A 135 -4.06 23.87 -17.89
N LYS A 136 -3.53 24.82 -18.67
CA LYS A 136 -3.95 25.05 -20.05
C LYS A 136 -3.16 24.20 -21.07
N LEU A 137 -2.19 23.41 -20.62
CA LEU A 137 -1.39 22.61 -21.55
C LEU A 137 -2.27 21.61 -22.28
N PRO A 138 -1.87 21.21 -23.50
CA PRO A 138 -2.60 20.16 -24.19
C PRO A 138 -2.51 18.83 -23.46
N HIS A 139 -3.62 18.10 -23.43
CA HIS A 139 -3.70 16.75 -22.90
C HIS A 139 -3.73 16.66 -21.38
N VAL A 140 -3.64 17.78 -20.65
CA VAL A 140 -3.67 17.73 -19.18
C VAL A 140 -5.07 17.34 -18.69
N ASP A 141 -5.13 16.36 -17.81
CA ASP A 141 -6.38 15.95 -17.18
C ASP A 141 -6.55 16.71 -15.87
N TYR A 142 -5.56 16.56 -14.98
CA TYR A 142 -5.49 17.34 -13.74
C TYR A 142 -4.06 17.37 -13.25
N ILE A 143 -3.82 18.20 -12.25
CA ILE A 143 -2.52 18.32 -11.60
C ILE A 143 -2.71 18.18 -10.10
N GLU A 144 -1.82 17.42 -9.46
CA GLU A 144 -1.91 17.19 -8.03
C GLU A 144 -0.56 17.51 -7.39
N GLU A 145 -0.61 18.32 -6.33
CA GLU A 145 0.57 18.60 -5.54
C GLU A 145 0.94 17.34 -4.80
N ASP A 146 2.24 17.04 -4.78
CA ASP A 146 2.73 15.86 -4.08
C ASP A 146 2.43 15.98 -2.57
N SER A 147 2.37 14.85 -1.89
CA SER A 147 2.15 14.81 -0.45
C SER A 147 2.68 13.53 0.14
N SER A 148 2.69 13.46 1.46
CA SER A 148 3.33 12.37 2.19
C SER A 148 2.39 11.19 2.42
N VAL A 149 2.98 9.99 2.45
CA VAL A 149 2.32 8.79 2.94
C VAL A 149 3.16 8.24 4.08
N PHE A 150 2.53 7.45 4.96
CA PHE A 150 3.16 6.98 6.17
C PHE A 150 2.90 5.50 6.39
N ALA A 151 3.89 4.80 6.95
CA ALA A 151 3.71 3.44 7.43
C ALA A 151 2.53 3.35 8.39
N GLN A 152 1.72 2.31 8.21
CA GLN A 152 0.61 2.07 9.12
C GLN A 152 0.84 0.85 9.99
N GLY A 176 1.28 -22.88 1.20
CA GLY A 176 0.53 -22.36 0.01
C GLY A 176 0.89 -20.94 -0.39
N GLY A 177 0.66 -20.62 -1.66
CA GLY A 177 0.96 -19.28 -2.23
C GLY A 177 2.02 -19.25 -3.34
N SER A 178 2.33 -20.42 -3.92
CA SER A 178 3.55 -20.62 -4.72
C SER A 178 3.50 -20.12 -6.19
N LEU A 179 2.32 -20.14 -6.81
CA LEU A 179 2.14 -19.55 -8.15
C LEU A 179 2.02 -18.03 -8.12
N VAL A 180 1.89 -17.45 -6.94
CA VAL A 180 1.56 -16.06 -6.77
C VAL A 180 2.78 -15.29 -6.32
N GLU A 181 2.95 -14.09 -6.87
CA GLU A 181 4.00 -13.17 -6.43
C GLU A 181 3.33 -12.06 -5.61
N VAL A 182 3.83 -11.82 -4.40
CA VAL A 182 3.37 -10.72 -3.55
C VAL A 182 4.40 -9.60 -3.61
N TYR A 183 3.99 -8.46 -4.15
CA TYR A 183 4.81 -7.26 -4.12
C TYR A 183 4.59 -6.52 -2.79
N LEU A 184 5.68 -6.05 -2.18
CA LEU A 184 5.61 -5.21 -0.98
C LEU A 184 6.23 -3.87 -1.27
N LEU A 185 5.45 -2.79 -1.11
CA LEU A 185 5.96 -1.42 -1.17
C LEU A 185 6.00 -0.88 0.26
N ASP A 186 7.19 -0.69 0.80
CA ASP A 186 7.31 -0.38 2.22
C ASP A 186 8.70 0.18 2.49
N THR A 187 9.17 0.06 3.72
CA THR A 187 10.54 0.41 4.09
C THR A 187 11.49 -0.60 3.48
N SER A 188 12.78 -0.36 3.66
CA SER A 188 13.77 -1.36 3.38
C SER A 188 13.45 -2.59 4.24
N ILE A 189 13.95 -3.74 3.84
CA ILE A 189 13.72 -4.95 4.62
C ILE A 189 15.06 -5.65 4.85
N GLN A 190 15.12 -6.48 5.89
CA GLN A 190 16.25 -7.36 6.10
C GLN A 190 15.98 -8.71 5.43
N SER A 191 16.40 -8.86 4.18
CA SER A 191 16.04 -10.04 3.38
C SER A 191 16.67 -11.35 3.86
N ASP A 192 17.77 -11.28 4.61
CA ASP A 192 18.44 -12.48 5.09
C ASP A 192 17.96 -12.95 6.47
N HIS A 193 16.97 -12.27 7.03
CA HIS A 193 16.31 -12.74 8.23
C HIS A 193 15.81 -14.18 8.00
N ARG A 194 16.06 -15.07 8.97
CA ARG A 194 15.83 -16.52 8.78
C ARG A 194 14.36 -16.84 8.51
N GLU A 195 13.49 -16.01 9.05
CA GLU A 195 12.06 -16.08 8.78
C GLU A 195 11.68 -15.89 7.30
N ILE A 196 12.36 -15.00 6.58
CA ILE A 196 12.02 -14.68 5.19
C ILE A 196 13.15 -14.93 4.17
N GLU A 197 14.33 -15.36 4.65
CA GLU A 197 15.50 -15.62 3.79
C GLU A 197 15.11 -16.49 2.60
N GLY A 198 15.43 -15.99 1.40
CA GLY A 198 15.22 -16.75 0.16
C GLY A 198 13.83 -16.68 -0.44
N ARG A 199 12.85 -16.18 0.31
CA ARG A 199 11.50 -16.00 -0.19
C ARG A 199 11.22 -14.54 -0.55
N VAL A 200 12.13 -13.65 -0.17
CA VAL A 200 11.99 -12.24 -0.51
C VAL A 200 13.11 -11.80 -1.44
N MET A 201 12.73 -11.21 -2.56
CA MET A 201 13.67 -10.66 -3.51
C MET A 201 13.64 -9.12 -3.43
N VAL A 202 14.76 -8.53 -3.06
CA VAL A 202 14.87 -7.08 -3.01
C VAL A 202 15.09 -6.59 -4.43
N THR A 203 14.08 -5.91 -4.98
CA THR A 203 14.22 -5.20 -6.26
C THR A 203 15.16 -4.04 -6.05
N ASP A 204 15.67 -3.48 -7.13
CA ASP A 204 16.55 -2.31 -7.01
C ASP A 204 15.75 -0.98 -6.93
N PHE A 205 14.43 -1.05 -6.79
CA PHE A 205 13.64 0.16 -6.79
C PHE A 205 13.71 0.86 -5.45
N GLU A 206 14.05 2.14 -5.50
CA GLU A 206 14.04 2.96 -4.31
C GLU A 206 13.65 4.39 -4.68
N ASN A 207 12.59 4.89 -4.04
CA ASN A 207 12.21 6.29 -4.16
C ASN A 207 11.65 6.74 -2.80
N VAL A 208 12.47 7.45 -2.03
CA VAL A 208 12.10 7.91 -0.69
C VAL A 208 12.55 9.35 -0.45
N PRO A 209 11.81 10.12 0.36
CA PRO A 209 12.25 11.45 0.75
C PRO A 209 13.28 11.38 1.89
N GLU A 210 14.15 12.38 1.95
CA GLU A 210 15.19 12.46 2.98
C GLU A 210 14.56 12.55 4.37
N GLU A 211 15.26 12.00 5.36
CA GLU A 211 14.80 11.94 6.76
C GLU A 211 14.82 13.34 7.37
N ASP A 212 13.84 13.62 8.24
CA ASP A 212 13.65 14.96 8.80
C ASP A 212 14.68 15.28 9.89
N SER A 221 18.61 -1.63 11.02
CA SER A 221 17.86 -2.14 12.17
C SER A 221 16.50 -1.47 12.32
N LYS A 222 16.52 -0.15 12.46
CA LYS A 222 15.29 0.65 12.57
C LYS A 222 14.70 0.98 11.20
N CYS A 223 15.57 1.24 10.21
CA CYS A 223 15.13 1.54 8.84
C CYS A 223 14.28 0.44 8.22
N ASP A 224 14.47 -0.79 8.68
CA ASP A 224 13.80 -1.94 8.12
C ASP A 224 12.89 -2.71 9.07
N SER A 225 12.57 -2.14 10.23
CA SER A 225 11.65 -2.78 11.15
C SER A 225 10.29 -3.05 10.51
N HIS A 226 9.74 -2.06 9.82
CA HIS A 226 8.34 -2.12 9.41
C HIS A 226 8.17 -3.14 8.30
N GLY A 227 8.91 -2.96 7.20
CA GLY A 227 8.89 -3.89 6.09
C GLY A 227 9.18 -5.34 6.45
N THR A 228 10.18 -5.54 7.30
CA THR A 228 10.64 -6.88 7.66
C THR A 228 9.56 -7.62 8.43
N HIS A 229 8.91 -6.93 9.35
CA HIS A 229 7.84 -7.55 10.12
C HIS A 229 6.71 -7.95 9.19
N LEU A 230 6.35 -7.07 8.26
CA LEU A 230 5.23 -7.31 7.33
C LEU A 230 5.56 -8.39 6.29
N ALA A 231 6.80 -8.45 5.82
CA ALA A 231 7.26 -9.59 5.00
C ALA A 231 7.06 -10.90 5.74
N GLY A 232 7.43 -10.92 7.01
CA GLY A 232 7.25 -12.10 7.84
C GLY A 232 5.82 -12.49 8.09
N VAL A 233 4.93 -11.50 8.22
CA VAL A 233 3.51 -11.80 8.39
C VAL A 233 2.95 -12.50 7.13
N VAL A 234 3.38 -12.06 5.96
CA VAL A 234 2.91 -12.66 4.71
C VAL A 234 3.46 -14.08 4.54
N SER A 235 4.78 -14.22 4.61
CA SER A 235 5.46 -15.44 4.17
C SER A 235 6.41 -16.11 5.15
N GLY A 236 6.52 -15.58 6.36
CA GLY A 236 7.49 -16.06 7.35
C GLY A 236 7.38 -17.54 7.65
N ARG A 237 8.54 -18.20 7.84
CA ARG A 237 8.59 -19.66 8.06
C ARG A 237 7.86 -20.09 9.31
N ASP A 238 8.10 -19.40 10.42
CA ASP A 238 7.45 -19.73 11.69
C ASP A 238 6.15 -18.97 11.93
N ALA A 239 6.06 -17.71 11.51
CA ALA A 239 4.91 -16.86 11.86
C ALA A 239 4.10 -16.33 10.67
N GLY A 240 4.41 -16.79 9.46
CA GLY A 240 3.73 -16.33 8.26
C GLY A 240 2.37 -16.96 8.01
N VAL A 241 1.55 -16.23 7.27
CA VAL A 241 0.21 -16.67 6.86
C VAL A 241 0.31 -17.59 5.63
N ALA A 242 1.15 -17.21 4.67
CA ALA A 242 1.34 -17.92 3.40
C ALA A 242 2.83 -18.27 3.17
N LYS A 243 3.26 -19.34 3.80
CA LYS A 243 4.68 -19.73 3.82
C LYS A 243 5.30 -20.06 2.45
N GLY A 244 4.48 -20.53 1.52
CA GLY A 244 4.92 -20.80 0.14
C GLY A 244 5.01 -19.60 -0.80
N ALA A 245 4.56 -18.43 -0.35
CA ALA A 245 4.53 -17.24 -1.19
C ALA A 245 5.92 -16.64 -1.32
N SER A 246 6.22 -16.18 -2.52
CA SER A 246 7.45 -15.45 -2.80
C SER A 246 7.11 -13.96 -2.90
N MET A 247 7.98 -13.13 -2.34
CA MET A 247 7.76 -11.69 -2.29
C MET A 247 8.80 -10.90 -3.06
N ARG A 248 8.39 -9.80 -3.65
CA ARG A 248 9.32 -8.81 -4.18
C ARG A 248 9.09 -7.52 -3.41
N SER A 249 10.17 -6.88 -2.96
CA SER A 249 10.07 -5.67 -2.15
C SER A 249 10.60 -4.45 -2.91
N LEU A 250 9.82 -3.36 -2.85
CA LEU A 250 10.23 -2.05 -3.34
C LEU A 250 10.28 -1.12 -2.14
N ARG A 251 11.21 -0.17 -2.15
CA ARG A 251 11.35 0.75 -1.02
C ARG A 251 10.73 2.10 -1.35
N VAL A 252 9.63 2.43 -0.67
CA VAL A 252 8.95 3.72 -0.84
C VAL A 252 8.78 4.51 0.46
N LEU A 253 9.18 3.93 1.59
CA LEU A 253 9.17 4.60 2.87
C LEU A 253 10.60 4.68 3.40
N ASN A 254 10.97 5.86 3.93
CA ASN A 254 12.33 6.07 4.44
C ASN A 254 12.51 5.46 5.83
N CYS A 255 13.61 5.78 6.52
CA CYS A 255 13.89 5.17 7.83
C CYS A 255 12.87 5.54 8.94
N GLN A 256 12.14 6.63 8.75
CA GLN A 256 11.08 7.03 9.68
C GLN A 256 9.68 6.57 9.22
N GLY A 257 9.61 5.86 8.09
CA GLY A 257 8.34 5.29 7.62
C GLY A 257 7.56 6.24 6.75
N LYS A 258 8.25 7.22 6.19
CA LYS A 258 7.63 8.30 5.45
C LYS A 258 8.00 8.17 3.99
N GLY A 259 7.02 8.25 3.11
CA GLY A 259 7.25 8.30 1.69
C GLY A 259 6.44 9.40 1.05
N THR A 260 6.41 9.39 -0.28
CA THR A 260 5.59 10.32 -1.04
C THR A 260 4.56 9.60 -1.90
N VAL A 261 3.53 10.34 -2.29
CA VAL A 261 2.56 9.87 -3.27
C VAL A 261 3.26 9.63 -4.62
N SER A 262 4.10 10.59 -5.02
CA SER A 262 4.82 10.52 -6.27
C SER A 262 5.74 9.29 -6.27
N GLY A 263 6.47 9.07 -5.18
CA GLY A 263 7.32 7.90 -5.06
C GLY A 263 6.56 6.58 -5.12
N THR A 264 5.37 6.57 -4.52
CA THR A 264 4.47 5.42 -4.56
C THR A 264 3.96 5.18 -5.98
N LEU A 265 3.65 6.24 -6.72
CA LEU A 265 3.19 6.12 -8.10
C LEU A 265 4.27 5.47 -8.95
N ILE A 266 5.49 5.96 -8.81
CA ILE A 266 6.62 5.43 -9.56
C ILE A 266 6.86 3.96 -9.21
N GLY A 267 6.70 3.60 -7.94
CA GLY A 267 6.76 2.21 -7.50
C GLY A 267 5.69 1.33 -8.15
N LEU A 268 4.46 1.83 -8.21
CA LEU A 268 3.36 1.08 -8.84
C LEU A 268 3.61 0.90 -10.35
N GLU A 269 4.16 1.93 -10.97
CA GLU A 269 4.50 1.89 -12.39
C GLU A 269 5.59 0.85 -12.62
N PHE A 270 6.57 0.83 -11.73
CA PHE A 270 7.66 -0.13 -11.79
C PHE A 270 7.13 -1.57 -11.72
N ILE A 271 6.11 -1.82 -10.91
CA ILE A 271 5.53 -3.15 -10.83
C ILE A 271 4.90 -3.55 -12.15
N ARG A 272 4.13 -2.64 -12.72
CA ARG A 272 3.45 -2.93 -13.96
C ARG A 272 4.48 -3.13 -15.11
N LYS A 273 5.54 -2.32 -15.09
CA LYS A 273 6.59 -2.44 -16.11
C LYS A 273 7.28 -3.80 -16.07
N SER A 274 7.64 -4.23 -14.87
CA SER A 274 8.29 -5.51 -14.65
C SER A 274 7.44 -6.68 -15.13
N GLN A 275 6.12 -6.53 -14.99
CA GLN A 275 5.16 -7.54 -15.37
C GLN A 275 5.08 -7.70 -16.88
N LEU A 276 5.06 -6.57 -17.57
CA LEU A 276 5.00 -6.53 -19.02
C LEU A 276 6.27 -7.09 -19.64
N VAL A 277 7.40 -6.80 -19.01
CA VAL A 277 8.71 -7.28 -19.45
C VAL A 277 8.87 -8.80 -19.27
N GLN A 278 8.34 -9.32 -18.16
CA GLN A 278 8.53 -10.71 -17.76
C GLN A 278 7.30 -11.24 -17.03
N PRO A 279 6.24 -11.55 -17.78
CA PRO A 279 5.00 -12.02 -17.16
C PRO A 279 5.18 -13.29 -16.34
N VAL A 280 4.53 -13.34 -15.18
CA VAL A 280 4.45 -14.55 -14.34
C VAL A 280 2.97 -14.80 -14.00
N GLY A 281 2.66 -15.27 -12.80
CA GLY A 281 1.30 -15.60 -12.44
C GLY A 281 0.55 -14.40 -11.88
N PRO A 282 -0.49 -14.66 -11.06
CA PRO A 282 -1.24 -13.61 -10.38
C PRO A 282 -0.35 -12.80 -9.47
N LEU A 283 -0.54 -11.49 -9.46
CA LEU A 283 0.21 -10.58 -8.60
C LEU A 283 -0.71 -10.05 -7.52
N VAL A 284 -0.19 -10.00 -6.30
CA VAL A 284 -0.80 -9.31 -5.17
C VAL A 284 0.15 -8.18 -4.78
N VAL A 285 -0.35 -6.95 -4.78
CA VAL A 285 0.44 -5.79 -4.39
C VAL A 285 -0.03 -5.29 -3.01
N LEU A 286 0.88 -5.35 -2.04
CA LEU A 286 0.60 -4.94 -0.67
C LEU A 286 1.11 -3.51 -0.43
N LEU A 287 0.19 -2.63 -0.01
CA LEU A 287 0.45 -1.20 0.22
C LEU A 287 0.12 -0.88 1.69
N PRO A 288 1.05 -1.17 2.62
CA PRO A 288 0.78 -1.02 4.06
C PRO A 288 1.09 0.41 4.54
N LEU A 289 0.54 1.38 3.81
CA LEU A 289 0.81 2.79 3.99
C LEU A 289 -0.44 3.60 3.72
N ALA A 290 -0.39 4.88 4.07
CA ALA A 290 -1.54 5.77 3.89
C ALA A 290 -1.14 7.23 3.93
N GLY A 291 -1.74 8.00 3.05
CA GLY A 291 -1.73 9.45 3.11
C GLY A 291 -3.14 9.98 3.05
N GLY A 292 -3.28 11.28 2.88
CA GLY A 292 -4.59 11.87 2.65
C GLY A 292 -5.16 11.43 1.32
N TYR A 293 -6.48 11.60 1.18
CA TYR A 293 -7.15 11.28 -0.07
C TYR A 293 -6.37 11.86 -1.24
N SER A 294 -6.04 11.02 -2.21
CA SER A 294 -5.26 11.44 -3.37
C SER A 294 -5.94 10.94 -4.64
N ARG A 295 -6.32 11.89 -5.49
CA ARG A 295 -6.98 11.55 -6.74
C ARG A 295 -6.05 10.72 -7.62
N VAL A 296 -4.79 11.14 -7.71
CA VAL A 296 -3.79 10.45 -8.55
C VAL A 296 -3.43 9.06 -8.03
N LEU A 297 -3.20 8.94 -6.73
CA LEU A 297 -2.92 7.63 -6.14
C LEU A 297 -4.08 6.65 -6.31
N ASN A 298 -5.32 7.12 -6.10
CA ASN A 298 -6.50 6.28 -6.32
C ASN A 298 -6.66 5.84 -7.77
N ALA A 299 -6.37 6.76 -8.69
CA ALA A 299 -6.46 6.49 -10.12
C ALA A 299 -5.42 5.45 -10.55
N ALA A 300 -4.18 5.62 -10.10
CA ALA A 300 -3.13 4.65 -10.40
C ALA A 300 -3.49 3.25 -9.88
N CYS A 301 -3.97 3.19 -8.65
CA CYS A 301 -4.39 1.94 -8.05
C CYS A 301 -5.55 1.33 -8.84
N GLN A 302 -6.51 2.17 -9.23
CA GLN A 302 -7.66 1.72 -10.02
C GLN A 302 -7.24 1.14 -11.38
N ARG A 303 -6.31 1.79 -12.05
CA ARG A 303 -5.81 1.29 -13.34
C ARG A 303 -5.09 -0.04 -13.19
N LEU A 304 -4.26 -0.14 -12.16
CA LEU A 304 -3.55 -1.38 -11.88
C LEU A 304 -4.52 -2.52 -11.62
N ALA A 305 -5.57 -2.25 -10.86
CA ALA A 305 -6.61 -3.24 -10.59
C ALA A 305 -7.38 -3.66 -11.85
N ARG A 306 -7.72 -2.68 -12.68
CA ARG A 306 -8.38 -2.96 -13.97
C ARG A 306 -7.52 -3.79 -14.90
N ALA A 307 -6.20 -3.62 -14.80
CA ALA A 307 -5.24 -4.41 -15.57
C ALA A 307 -5.05 -5.83 -15.02
N GLY A 308 -5.81 -6.18 -13.99
CA GLY A 308 -5.84 -7.54 -13.44
C GLY A 308 -4.99 -7.82 -12.22
N VAL A 309 -4.36 -6.80 -11.65
CA VAL A 309 -3.50 -6.95 -10.47
C VAL A 309 -4.32 -6.73 -9.20
N VAL A 310 -4.06 -7.54 -8.17
CA VAL A 310 -4.78 -7.43 -6.90
C VAL A 310 -4.02 -6.49 -5.96
N LEU A 311 -4.71 -5.51 -5.39
CA LEU A 311 -4.10 -4.53 -4.46
C LEU A 311 -4.75 -4.66 -3.10
N VAL A 312 -3.93 -4.80 -2.06
CA VAL A 312 -4.37 -4.86 -0.68
C VAL A 312 -3.73 -3.70 0.06
N THR A 313 -4.52 -2.97 0.82
CA THR A 313 -4.01 -1.81 1.55
C THR A 313 -4.47 -1.73 3.00
N ALA A 314 -3.70 -0.96 3.76
CA ALA A 314 -4.04 -0.67 5.14
C ALA A 314 -5.17 0.36 5.14
N ALA A 315 -6.17 0.15 6.00
CA ALA A 315 -7.27 1.14 6.10
C ALA A 315 -6.80 2.47 6.68
N GLY A 316 -5.74 2.43 7.49
CA GLY A 316 -5.21 3.60 8.16
C GLY A 316 -5.46 3.54 9.67
N ASN A 317 -4.60 4.21 10.43
CA ASN A 317 -4.60 4.12 11.89
C ASN A 317 -5.08 5.43 12.56
N PHE A 318 -6.04 6.11 11.94
CA PHE A 318 -6.41 7.45 12.37
C PHE A 318 -7.77 7.50 13.09
N ARG A 319 -8.29 6.34 13.45
CA ARG A 319 -9.61 6.20 14.04
C ARG A 319 -10.66 7.08 13.35
N ASP A 320 -10.71 6.94 12.04
CA ASP A 320 -11.46 7.83 11.18
C ASP A 320 -12.05 7.05 10.00
N ASP A 321 -12.74 7.77 9.13
CA ASP A 321 -13.35 7.21 7.95
C ASP A 321 -12.26 6.96 6.92
N ALA A 322 -12.08 5.69 6.56
CA ALA A 322 -11.00 5.30 5.61
C ALA A 322 -11.14 5.92 4.24
N CYS A 323 -12.35 6.40 3.91
CA CYS A 323 -12.57 7.09 2.64
C CYS A 323 -11.80 8.40 2.51
N LEU A 324 -11.29 8.93 3.61
CA LEU A 324 -10.56 10.21 3.57
C LEU A 324 -9.07 10.00 3.38
N TYR A 325 -8.65 8.75 3.19
CA TYR A 325 -7.23 8.43 3.06
C TYR A 325 -7.00 7.61 1.78
N SER A 326 -5.78 7.67 1.25
CA SER A 326 -5.37 6.86 0.09
C SER A 326 -4.10 6.08 0.38
N PRO A 327 -3.94 4.91 -0.25
CA PRO A 327 -4.87 4.25 -1.18
C PRO A 327 -6.11 3.58 -0.57
N ALA A 328 -6.29 3.66 0.75
CA ALA A 328 -7.45 3.05 1.41
C ALA A 328 -8.79 3.31 0.67
N SER A 329 -8.98 4.53 0.20
CA SER A 329 -10.26 4.92 -0.43
C SER A 329 -10.43 4.51 -1.89
N ALA A 330 -9.39 3.99 -2.53
CA ALA A 330 -9.50 3.58 -3.95
C ALA A 330 -10.45 2.39 -3.99
N PRO A 331 -11.57 2.50 -4.70
CA PRO A 331 -12.61 1.47 -4.50
C PRO A 331 -12.22 0.02 -4.84
N GLU A 332 -11.57 -0.19 -6.00
CA GLU A 332 -11.21 -1.55 -6.47
C GLU A 332 -10.00 -2.17 -5.73
N VAL A 333 -9.45 -1.45 -4.76
CA VAL A 333 -8.46 -2.01 -3.82
C VAL A 333 -9.20 -2.77 -2.69
N ILE A 334 -8.49 -3.70 -2.06
CA ILE A 334 -8.98 -4.41 -0.88
C ILE A 334 -8.41 -3.71 0.36
N THR A 335 -9.28 -3.01 1.08
CA THR A 335 -8.88 -2.13 2.18
C THR A 335 -9.15 -2.82 3.51
N VAL A 336 -8.12 -2.94 4.35
CA VAL A 336 -8.19 -3.82 5.53
C VAL A 336 -8.03 -3.07 6.85
N GLY A 337 -9.05 -3.20 7.70
CA GLY A 337 -9.00 -2.68 9.07
C GLY A 337 -8.48 -3.74 10.00
N ALA A 338 -8.18 -3.32 11.23
CA ALA A 338 -7.51 -4.15 12.24
C ALA A 338 -8.39 -4.46 13.44
N THR A 339 -8.46 -5.73 13.82
CA THR A 339 -9.11 -6.19 15.05
C THR A 339 -8.10 -6.88 15.97
N ASN A 340 -8.48 -7.04 17.23
CA ASN A 340 -7.61 -7.69 18.23
C ASN A 340 -8.15 -9.05 18.66
N ALA A 341 -7.47 -9.71 19.59
CA ALA A 341 -7.86 -11.06 20.04
C ALA A 341 -9.23 -11.12 20.70
N GLN A 342 -9.70 -9.99 21.23
CA GLN A 342 -11.03 -9.94 21.85
C GLN A 342 -12.13 -9.54 20.84
N ASP A 343 -11.79 -9.51 19.55
CA ASP A 343 -12.71 -9.11 18.48
C ASP A 343 -13.18 -7.66 18.64
N GLN A 344 -12.22 -6.84 19.04
CA GLN A 344 -12.37 -5.42 19.22
C GLN A 344 -11.64 -4.75 18.07
N PRO A 345 -12.19 -3.67 17.49
CA PRO A 345 -11.35 -2.86 16.65
C PRO A 345 -10.15 -2.35 17.44
N VAL A 346 -9.01 -2.21 16.78
CA VAL A 346 -7.74 -1.95 17.47
C VAL A 346 -7.60 -0.48 17.87
N THR A 347 -7.27 -0.27 19.15
CA THR A 347 -6.88 1.04 19.67
C THR A 347 -5.37 1.18 19.54
N LEU A 348 -4.93 2.29 18.96
CA LEU A 348 -3.53 2.63 18.78
C LEU A 348 -3.29 4.01 19.41
N GLY A 349 -2.95 4.00 20.70
CA GLY A 349 -2.82 5.22 21.48
C GLY A 349 -4.18 5.85 21.62
N THR A 350 -4.31 7.10 21.15
CA THR A 350 -5.60 7.80 21.15
C THR A 350 -6.35 7.61 19.83
N LEU A 351 -5.70 6.99 18.86
CA LEU A 351 -6.30 6.71 17.57
C LEU A 351 -6.55 5.22 17.50
N GLY A 352 -6.48 4.63 16.31
CA GLY A 352 -6.88 3.23 16.17
C GLY A 352 -7.27 2.94 14.74
N THR A 353 -7.81 1.75 14.49
CA THR A 353 -8.19 1.38 13.12
C THR A 353 -9.20 2.34 12.52
N ASN A 354 -9.00 2.67 11.24
CA ASN A 354 -10.05 3.33 10.46
C ASN A 354 -11.22 2.37 10.22
N PHE A 355 -12.32 2.93 9.73
CA PHE A 355 -13.59 2.21 9.60
C PHE A 355 -14.38 2.84 8.45
N GLY A 356 -15.64 2.46 8.30
CA GLY A 356 -16.54 3.03 7.27
C GLY A 356 -16.67 2.23 5.99
N ARG A 357 -17.37 2.83 5.02
CA ARG A 357 -17.78 2.14 3.80
C ARG A 357 -16.64 1.77 2.85
N CYS A 358 -15.49 2.43 3.00
CA CYS A 358 -14.33 2.11 2.18
C CYS A 358 -13.52 0.92 2.72
N VAL A 359 -13.83 0.43 3.91
CA VAL A 359 -13.18 -0.77 4.44
C VAL A 359 -13.91 -1.99 3.89
N ASP A 360 -13.16 -2.96 3.36
CA ASP A 360 -13.73 -4.18 2.78
C ASP A 360 -13.95 -5.23 3.86
N LEU A 361 -12.97 -5.34 4.76
CA LEU A 361 -13.03 -6.27 5.88
C LEU A 361 -11.91 -5.97 6.89
N PHE A 362 -11.93 -6.70 8.00
CA PHE A 362 -10.90 -6.56 9.03
C PHE A 362 -10.07 -7.83 9.08
N ALA A 363 -8.90 -7.75 9.73
CA ALA A 363 -8.06 -8.91 9.99
C ALA A 363 -7.24 -8.64 11.24
N PRO A 364 -6.65 -9.69 11.84
CA PRO A 364 -5.82 -9.48 13.04
C PRO A 364 -4.73 -8.44 12.86
N GLY A 365 -4.72 -7.43 13.72
CA GLY A 365 -3.76 -6.33 13.59
C GLY A 365 -3.28 -5.69 14.88
N GLU A 366 -3.40 -6.43 15.98
CA GLU A 366 -2.86 -6.03 17.29
C GLU A 366 -2.08 -7.21 17.82
N ASP A 367 -0.90 -6.94 18.36
CA ASP A 367 -0.11 -7.96 19.04
C ASP A 367 0.27 -9.11 18.06
N ILE A 368 0.83 -8.72 16.93
CA ILE A 368 1.14 -9.66 15.86
C ILE A 368 2.63 -9.98 15.93
N ILE A 369 2.95 -11.20 16.40
CA ILE A 369 4.33 -11.68 16.41
C ILE A 369 4.84 -11.86 14.98
N GLY A 370 6.07 -11.44 14.75
CA GLY A 370 6.64 -11.47 13.42
C GLY A 370 8.10 -11.13 13.46
N ALA A 371 8.74 -11.25 12.31
CA ALA A 371 10.18 -11.04 12.23
C ALA A 371 10.59 -9.66 12.72
N SER A 372 11.56 -9.64 13.64
CA SER A 372 12.22 -8.42 14.08
C SER A 372 13.56 -8.32 13.36
N SER A 373 13.79 -7.21 12.67
CA SER A 373 15.08 -6.96 12.02
C SER A 373 16.24 -6.61 12.98
N ASP A 374 16.01 -6.67 14.30
CA ASP A 374 17.10 -6.52 15.27
C ASP A 374 18.19 -7.60 15.13
N CYS A 375 17.77 -8.85 14.89
CA CYS A 375 18.71 -9.93 14.59
C CYS A 375 18.08 -10.96 13.66
N SER A 376 18.90 -11.83 13.10
CA SER A 376 18.47 -12.79 12.07
C SER A 376 17.41 -13.81 12.54
N THR A 377 17.29 -14.00 13.84
CA THR A 377 16.33 -14.94 14.40
C THR A 377 15.37 -14.24 15.36
N CYS A 378 15.42 -12.92 15.40
CA CYS A 378 14.63 -12.16 16.37
C CYS A 378 13.17 -12.01 15.95
N PHE A 379 12.27 -12.04 16.92
CA PHE A 379 10.86 -11.79 16.72
C PHE A 379 10.37 -10.69 17.65
N VAL A 380 9.36 -9.95 17.17
CA VAL A 380 8.71 -8.90 17.95
C VAL A 380 7.23 -8.79 17.56
N SER A 381 6.42 -8.33 18.50
CA SER A 381 5.00 -8.12 18.32
C SER A 381 4.76 -6.69 17.87
N GLN A 382 3.95 -6.49 16.82
CA GLN A 382 3.60 -5.16 16.33
C GLN A 382 2.09 -5.05 16.08
N SER A 383 1.63 -3.81 15.93
CA SER A 383 0.23 -3.52 15.79
C SER A 383 0.01 -2.48 14.72
N GLY A 384 -1.11 -2.57 14.02
CA GLY A 384 -1.50 -1.58 13.01
C GLY A 384 -2.30 -2.19 11.88
N THR A 385 -2.96 -1.34 11.09
CA THR A 385 -3.67 -1.81 9.91
C THR A 385 -2.72 -2.37 8.84
N SER A 386 -1.44 -1.97 8.89
CA SER A 386 -0.43 -2.59 8.04
C SER A 386 -0.37 -4.11 8.24
N GLN A 387 -0.27 -4.53 9.49
CA GLN A 387 -0.25 -5.94 9.85
C GLN A 387 -1.53 -6.67 9.42
N ALA A 388 -2.67 -5.98 9.52
CA ALA A 388 -3.94 -6.57 9.13
C ALA A 388 -3.99 -6.77 7.63
N ALA A 389 -3.56 -5.76 6.88
CA ALA A 389 -3.46 -5.85 5.44
C ALA A 389 -2.57 -7.01 5.01
N ALA A 390 -1.42 -7.14 5.68
CA ALA A 390 -0.47 -8.23 5.40
C ALA A 390 -1.10 -9.63 5.59
N HIS A 391 -1.93 -9.80 6.63
CA HIS A 391 -2.72 -11.03 6.79
C HIS A 391 -3.60 -11.32 5.58
N VAL A 392 -4.24 -10.28 5.06
CA VAL A 392 -5.17 -10.44 3.96
C VAL A 392 -4.41 -10.70 2.66
N ALA A 393 -3.25 -10.09 2.50
CA ALA A 393 -2.42 -10.40 1.33
C ALA A 393 -1.98 -11.87 1.34
N GLY A 394 -1.72 -12.41 2.52
CA GLY A 394 -1.36 -13.82 2.67
C GLY A 394 -2.51 -14.77 2.39
N ILE A 395 -3.70 -14.43 2.89
CA ILE A 395 -4.88 -15.24 2.61
C ILE A 395 -5.17 -15.20 1.10
N ALA A 396 -5.06 -14.03 0.49
CA ALA A 396 -5.34 -13.87 -0.93
C ALA A 396 -4.33 -14.62 -1.80
N ALA A 397 -3.07 -14.64 -1.38
CA ALA A 397 -2.03 -15.42 -2.08
C ALA A 397 -2.35 -16.91 -2.04
N MET A 398 -2.79 -17.42 -0.89
CA MET A 398 -3.16 -18.82 -0.76
C MET A 398 -4.39 -19.13 -1.61
N MET A 399 -5.33 -18.19 -1.63
CA MET A 399 -6.56 -18.38 -2.37
C MET A 399 -6.31 -18.37 -3.86
N LEU A 400 -5.45 -17.43 -4.31
CA LEU A 400 -5.10 -17.33 -5.72
C LEU A 400 -4.25 -18.50 -6.20
N SER A 401 -3.48 -19.10 -5.31
CA SER A 401 -2.66 -20.26 -5.70
CA SER A 401 -2.66 -20.26 -5.68
C SER A 401 -3.55 -21.47 -5.91
N ALA A 402 -4.56 -21.62 -5.05
CA ALA A 402 -5.55 -22.67 -5.18
C ALA A 402 -6.46 -22.47 -6.40
N GLU A 403 -6.84 -21.22 -6.67
CA GLU A 403 -7.76 -20.90 -7.78
C GLU A 403 -7.22 -19.75 -8.62
N PRO A 404 -6.16 -19.98 -9.41
CA PRO A 404 -5.46 -18.94 -10.15
C PRO A 404 -6.25 -18.16 -11.18
N GLU A 405 -7.42 -18.65 -11.58
CA GLU A 405 -8.24 -17.92 -12.56
C GLU A 405 -9.18 -16.88 -11.94
N LEU A 406 -9.24 -16.80 -10.61
CA LEU A 406 -10.20 -15.90 -9.98
C LEU A 406 -9.98 -14.49 -10.49
N THR A 407 -11.08 -13.84 -10.89
CA THR A 407 -11.04 -12.42 -11.16
C THR A 407 -11.00 -11.69 -9.82
N LEU A 408 -10.75 -10.38 -9.88
CA LEU A 408 -10.73 -9.56 -8.67
C LEU A 408 -12.05 -9.63 -7.90
N ALA A 409 -13.16 -9.51 -8.61
CA ALA A 409 -14.49 -9.59 -7.98
C ALA A 409 -14.73 -10.94 -7.34
N GLU A 410 -14.24 -12.01 -7.98
CA GLU A 410 -14.41 -13.35 -7.42
C GLU A 410 -13.55 -13.50 -6.17
N LEU A 411 -12.31 -13.03 -6.23
CA LEU A 411 -11.43 -13.06 -5.05
C LEU A 411 -12.07 -12.33 -3.87
N ARG A 412 -12.69 -11.18 -4.16
CA ARG A 412 -13.40 -10.40 -3.14
C ARG A 412 -14.52 -11.23 -2.52
N GLN A 413 -15.31 -11.92 -3.34
CA GLN A 413 -16.42 -12.75 -2.85
C GLN A 413 -15.94 -13.85 -1.92
N ARG A 414 -14.83 -14.49 -2.29
CA ARG A 414 -14.21 -15.53 -1.45
C ARG A 414 -13.76 -14.96 -0.11
N LEU A 415 -13.09 -13.80 -0.13
CA LEU A 415 -12.60 -13.21 1.12
C LEU A 415 -13.76 -12.93 2.07
N ILE A 416 -14.85 -12.41 1.53
CA ILE A 416 -16.06 -12.14 2.31
C ILE A 416 -16.70 -13.43 2.79
N HIS A 417 -16.93 -14.35 1.86
CA HIS A 417 -17.59 -15.61 2.19
C HIS A 417 -16.86 -16.33 3.35
N PHE A 418 -15.53 -16.34 3.31
CA PHE A 418 -14.75 -17.09 4.31
C PHE A 418 -14.47 -16.34 5.63
N SER A 419 -14.83 -15.06 5.70
CA SER A 419 -14.66 -14.27 6.91
C SER A 419 -15.60 -14.71 8.00
N ALA A 420 -15.17 -14.57 9.25
CA ALA A 420 -16.08 -14.63 10.39
C ALA A 420 -16.96 -13.40 10.33
N LYS A 421 -18.24 -13.58 10.61
CA LYS A 421 -19.24 -12.53 10.43
C LYS A 421 -19.84 -12.08 11.77
N ASP A 422 -20.03 -10.77 11.89
CA ASP A 422 -20.67 -10.18 13.05
C ASP A 422 -20.03 -10.56 14.39
N VAL A 423 -18.70 -10.62 14.43
CA VAL A 423 -18.01 -10.87 15.70
C VAL A 423 -17.42 -9.60 16.31
N ILE A 424 -17.21 -8.58 15.48
CA ILE A 424 -16.58 -7.35 15.92
C ILE A 424 -17.56 -6.56 16.79
N ASN A 425 -17.04 -5.95 17.86
CA ASN A 425 -17.82 -5.03 18.70
C ASN A 425 -18.12 -3.75 17.94
N GLU A 426 -19.32 -3.66 17.36
CA GLU A 426 -19.71 -2.47 16.59
C GLU A 426 -19.82 -1.19 17.44
N ALA A 427 -20.03 -1.33 18.75
CA ALA A 427 -20.19 -0.14 19.62
C ALA A 427 -18.93 0.74 19.71
N TRP A 428 -17.76 0.18 19.37
CA TRP A 428 -16.52 0.96 19.25
C TRP A 428 -16.56 1.96 18.10
N PHE A 429 -17.32 1.65 17.05
CA PHE A 429 -17.44 2.55 15.91
C PHE A 429 -18.41 3.68 16.24
N PRO A 430 -18.16 4.88 15.66
CA PRO A 430 -19.19 5.93 15.67
C PRO A 430 -20.53 5.39 15.21
N GLU A 431 -21.61 5.94 15.78
CA GLU A 431 -22.96 5.37 15.65
C GLU A 431 -23.42 5.16 14.20
N ASP A 432 -23.19 6.18 13.37
CA ASP A 432 -23.62 6.14 11.97
C ASP A 432 -22.73 5.25 11.08
N GLN A 433 -21.59 4.79 11.60
CA GLN A 433 -20.65 3.99 10.82
C GLN A 433 -20.83 2.50 11.02
N ARG A 434 -21.69 2.10 11.94
CA ARG A 434 -21.81 0.69 12.31
C ARG A 434 -22.43 -0.13 11.20
N VAL A 435 -23.39 0.47 10.51
CA VAL A 435 -24.05 -0.22 9.40
C VAL A 435 -23.17 -0.19 8.16
N LEU A 436 -22.43 0.90 7.97
CA LEU A 436 -21.56 1.07 6.82
C LEU A 436 -20.27 0.26 6.89
N THR A 437 -19.87 -0.14 8.09
CA THR A 437 -18.59 -0.80 8.30
C THR A 437 -18.86 -2.29 8.29
N PRO A 438 -18.24 -3.03 7.35
CA PRO A 438 -18.56 -4.45 7.28
C PRO A 438 -18.02 -5.20 8.49
N ASN A 439 -18.88 -5.97 9.12
CA ASN A 439 -18.49 -6.73 10.28
C ASN A 439 -17.95 -8.07 9.80
N LEU A 440 -16.70 -8.05 9.36
CA LEU A 440 -16.01 -9.19 8.77
C LEU A 440 -14.56 -9.27 9.26
N VAL A 441 -14.16 -10.44 9.75
CA VAL A 441 -12.76 -10.72 10.08
C VAL A 441 -12.27 -11.84 9.16
N ALA A 442 -11.25 -11.53 8.37
CA ALA A 442 -10.74 -12.43 7.31
C ALA A 442 -10.30 -13.77 7.87
N ALA A 443 -10.52 -14.83 7.09
CA ALA A 443 -10.04 -16.17 7.45
C ALA A 443 -9.72 -17.01 6.23
N LEU A 444 -8.71 -17.88 6.38
CA LEU A 444 -8.39 -18.88 5.36
C LEU A 444 -9.57 -19.83 5.20
N PRO A 445 -9.73 -20.41 3.99
CA PRO A 445 -10.72 -21.47 3.82
C PRO A 445 -10.22 -22.81 4.40
N PRO A 446 -11.03 -23.51 5.20
CA PRO A 446 -10.56 -24.81 5.73
C PRO A 446 -10.62 -25.92 4.69
C ACE B 1 9.59 -4.95 22.76
O ACE B 1 10.77 -4.80 22.47
CH3 ACE B 1 8.59 -3.95 22.23
N THR B 2 9.13 -5.95 23.52
CA THR B 2 10.02 -7.08 23.93
C THR B 2 10.50 -7.86 22.70
N VAL B 3 11.79 -7.81 22.42
CA VAL B 3 12.38 -8.55 21.31
C VAL B 3 12.85 -9.93 21.80
N PHE B 4 12.35 -10.99 21.16
CA PHE B 4 12.79 -12.37 21.44
C PHE B 4 13.86 -12.76 20.42
N THR B 5 14.94 -13.40 20.88
CA THR B 5 16.09 -13.74 20.02
C THR B 5 15.94 -15.06 19.28
N SER B 6 14.87 -15.79 19.60
CA SER B 6 14.53 -17.01 18.89
C SER B 6 13.04 -17.23 18.96
N TRP B 7 12.54 -18.05 18.05
CA TRP B 7 11.13 -18.42 18.01
C TRP B 7 10.71 -19.14 19.29
N GLU B 8 11.62 -19.97 19.81
CA GLU B 8 11.35 -20.79 20.99
C GLU B 8 11.26 -19.92 22.25
N GLU B 9 12.07 -18.86 22.31
CA GLU B 9 11.99 -17.89 23.41
C GLU B 9 10.63 -17.21 23.41
N TYR B 10 10.12 -16.88 22.23
CA TYR B 10 8.77 -16.32 22.12
C TYR B 10 7.74 -17.36 22.60
N LEU B 11 7.90 -18.62 22.19
CA LEU B 11 6.97 -19.69 22.58
C LEU B 11 6.92 -19.89 24.10
N ASP B 12 8.08 -19.87 24.77
CA ASP B 12 8.10 -20.01 26.23
C ASP B 12 7.44 -18.82 26.92
N TRP B 13 7.59 -17.64 26.32
CA TRP B 13 7.05 -16.40 26.87
C TRP B 13 5.51 -16.39 26.86
N VAL B 14 4.92 -16.77 25.74
CA VAL B 14 3.48 -16.62 25.51
C VAL B 14 2.65 -17.76 26.14
N NH2 B 15 1.47 -17.55 26.61
C ACE C 1 -1.46 -16.60 17.71
O ACE C 1 -0.24 -16.61 17.74
CH3 ACE C 1 -2.13 -17.62 16.82
N TRP C 2 -2.20 -15.74 18.44
CA TRP C 2 -3.70 -15.71 18.41
C TRP C 2 -4.24 -15.48 16.98
N ASN C 3 -3.48 -14.70 16.21
CA ASN C 3 -3.86 -14.26 14.86
C ASN C 3 -3.93 -15.38 13.81
N LEU C 4 -2.93 -16.24 13.82
CA LEU C 4 -2.86 -17.42 12.94
C LEU C 4 -3.99 -18.42 13.26
N VAL C 5 -4.38 -18.53 14.52
CA VAL C 5 -5.55 -19.34 14.92
C VAL C 5 -6.83 -18.63 14.47
N HRG C 6 -6.86 -17.31 14.65
CA HRG C 6 -8.02 -16.52 14.25
CB HRG C 6 -7.83 -15.04 14.61
CG HRG C 6 -10.26 -14.55 15.05
CG' HRG C 6 -9.01 -14.15 14.27
CD HRG C 6 -11.42 -13.64 14.70
NE HRG C 6 -12.51 -13.89 15.61
CZ HRG C 6 -13.44 -14.83 15.47
NH1 HRG C 6 -13.51 -15.68 14.46
NH2 HRG C 6 -14.29 -14.90 16.40
C HRG C 6 -8.34 -16.70 12.77
O HRG C 6 -9.48 -17.00 12.43
N ILE C 7 -7.33 -16.56 11.90
CA ILE C 7 -7.53 -16.81 10.45
C ILE C 7 -7.62 -18.29 10.01
N GLY C 8 -7.61 -19.23 10.97
CA GLY C 8 -7.81 -20.65 10.68
C GLY C 8 -6.63 -21.39 10.09
N LEU C 9 -5.43 -21.00 10.50
CA LEU C 9 -4.20 -21.68 10.10
C LEU C 9 -3.78 -22.71 11.15
N LEU C 10 -3.95 -22.35 12.43
CA LEU C 10 -3.37 -23.07 13.60
C LEU C 10 -1.83 -23.07 13.57
CA CA D . -12.57 -1.91 -1.91
#